data_3S6U
#
_entry.id   3S6U
#
_cell.length_a   58.834
_cell.length_b   77.958
_cell.length_c   96.318
_cell.angle_alpha   90.00
_cell.angle_beta   90.00
_cell.angle_gamma   90.00
#
_symmetry.space_group_name_H-M   'P 21 21 21'
#
loop_
_entity.id
_entity.type
_entity.pdbx_description
1 polymer Ac-ASP-7
2 non-polymer 'CALCIUM ION'
3 water water
#
_entity_poly.entity_id   1
_entity_poly.type   'polypeptide(L)'
_entity_poly.pdbx_seq_one_letter_code
;LDIIVDNQGSGCMVDRPFREAIDTFHNGLRQRIAKGEAEGYGPAREMYGLVYDCGLEEEARKEIKLPGYADLHHRGVTRF
SGDYEGSAISALKEILETFSADKNSMRQVVYPKATRFGCSGRLRRNKKTGMRRMDWVCVYDKKPKDGESFEGGKPCNENK
DCTYYKGSTCEWNLCYTFFAAASFLEQKLISEEDLNSAVDHHHHHH
;
_entity_poly.pdbx_strand_id   A,B
#
loop_
_chem_comp.id
_chem_comp.type
_chem_comp.name
_chem_comp.formula
CA non-polymer 'CALCIUM ION' 'Ca 2'
#
# COMPACT_ATOMS: atom_id res chain seq x y z
N ASP A 2 -1.46 -27.08 8.03
CA ASP A 2 -2.38 -25.95 7.84
C ASP A 2 -3.38 -26.28 6.74
N ILE A 3 -4.65 -26.35 7.11
CA ILE A 3 -5.69 -26.73 6.19
C ILE A 3 -6.90 -25.82 6.37
N ILE A 4 -7.63 -25.57 5.29
CA ILE A 4 -8.82 -24.73 5.38
C ILE A 4 -9.84 -25.28 6.39
N VAL A 5 -10.52 -24.37 7.09
CA VAL A 5 -11.63 -24.73 7.99
C VAL A 5 -12.92 -24.02 7.55
N ASP A 6 -13.89 -24.83 7.16
CA ASP A 6 -15.10 -24.37 6.51
C ASP A 6 -16.31 -24.42 7.47
N ASN A 7 -17.09 -23.36 7.53
CA ASN A 7 -18.37 -23.40 8.24
C ASN A 7 -19.50 -22.98 7.31
N GLN A 8 -20.67 -23.61 7.48
CA GLN A 8 -21.71 -23.71 6.43
C GLN A 8 -21.33 -24.83 5.40
N GLY A 9 -22.05 -24.99 4.28
CA GLY A 9 -23.20 -24.22 3.85
C GLY A 9 -23.19 -24.30 2.32
N SER A 10 -23.86 -23.37 1.65
CA SER A 10 -23.76 -23.26 0.19
C SER A 10 -24.03 -21.84 -0.34
N GLY A 11 -23.57 -20.85 0.44
CA GLY A 11 -23.26 -19.54 -0.08
C GLY A 11 -21.82 -19.62 -0.58
N CYS A 12 -21.24 -20.81 -0.51
CA CYS A 12 -19.94 -21.05 -1.13
C CYS A 12 -20.12 -21.36 -2.60
N MET A 13 -20.11 -20.31 -3.41
CA MET A 13 -20.28 -20.45 -4.85
C MET A 13 -18.94 -20.51 -5.58
N VAL A 14 -17.90 -20.02 -4.92
CA VAL A 14 -16.61 -19.84 -5.53
C VAL A 14 -15.87 -21.18 -5.67
N ASP A 15 -15.34 -21.46 -6.85
CA ASP A 15 -14.56 -22.68 -7.05
C ASP A 15 -13.48 -22.90 -6.01
N ARG A 16 -13.46 -24.10 -5.44
CA ARG A 16 -12.47 -24.53 -4.46
C ARG A 16 -11.07 -23.91 -4.61
N PRO A 17 -10.48 -23.98 -5.81
CA PRO A 17 -9.10 -23.49 -5.89
C PRO A 17 -8.95 -21.99 -5.58
N PHE A 18 -9.85 -21.15 -6.08
CA PHE A 18 -9.87 -19.72 -5.70
C PHE A 18 -10.03 -19.53 -4.18
N ARG A 19 -11.05 -20.18 -3.62
CA ARG A 19 -11.28 -20.15 -2.17
C ARG A 19 -10.04 -20.53 -1.35
N GLU A 20 -9.44 -21.67 -1.68
CA GLU A 20 -8.29 -22.17 -0.95
C GLU A 20 -7.05 -21.29 -1.13
N ALA A 21 -6.93 -20.70 -2.33
CA ALA A 21 -5.87 -19.73 -2.62
C ALA A 21 -5.95 -18.52 -1.72
N ILE A 22 -7.17 -17.99 -1.53
CA ILE A 22 -7.38 -16.78 -0.75
C ILE A 22 -7.29 -17.07 0.75
N ASP A 23 -7.69 -18.28 1.10
CA ASP A 23 -7.66 -18.75 2.47
C ASP A 23 -6.22 -19.08 2.87
N THR A 24 -5.46 -19.66 1.95
CA THR A 24 -4.09 -20.00 2.29
C THR A 24 -3.22 -18.75 2.38
N PHE A 25 -3.52 -17.80 1.51
CA PHE A 25 -2.89 -16.48 1.57
C PHE A 25 -3.14 -15.82 2.92
N HIS A 26 -4.40 -15.83 3.36
CA HIS A 26 -4.77 -15.24 4.64
C HIS A 26 -4.12 -15.94 5.83
N ASN A 27 -4.37 -17.24 5.96
CA ASN A 27 -3.93 -17.97 7.14
C ASN A 27 -2.46 -18.33 7.15
N GLY A 28 -1.87 -18.40 5.96
CA GLY A 28 -0.44 -18.52 5.84
C GLY A 28 0.26 -17.33 6.46
N LEU A 29 -0.25 -16.13 6.18
CA LEU A 29 0.34 -14.91 6.71
C LEU A 29 0.16 -14.83 8.22
N ARG A 30 -1.06 -15.13 8.69
CA ARG A 30 -1.38 -15.03 10.10
C ARG A 30 -0.56 -15.98 10.96
N GLN A 31 -0.37 -17.18 10.47
CA GLN A 31 0.40 -18.17 11.20
C GLN A 31 1.86 -17.75 11.33
N ARG A 32 2.39 -17.13 10.28
CA ARG A 32 3.75 -16.61 10.31
C ARG A 32 3.90 -15.45 11.28
N ILE A 33 2.98 -14.48 11.19
CA ILE A 33 2.93 -13.37 12.13
C ILE A 33 2.81 -13.85 13.58
N ALA A 34 1.99 -14.87 13.79
CA ALA A 34 1.85 -15.46 15.13
C ALA A 34 3.22 -15.91 15.66
N LYS A 35 3.96 -16.67 14.84
CA LYS A 35 5.30 -17.14 15.18
C LYS A 35 6.37 -16.04 15.11
N GLY A 36 5.94 -14.78 15.18
CA GLY A 36 6.83 -13.63 15.11
C GLY A 36 7.77 -13.56 13.91
N GLU A 37 7.50 -14.31 12.85
CA GLU A 37 8.49 -14.50 11.80
C GLU A 37 8.09 -14.03 10.38
N ALA A 38 7.21 -13.04 10.32
CA ALA A 38 6.82 -12.44 9.04
C ALA A 38 7.52 -11.10 8.89
N GLU A 39 8.42 -11.02 7.92
CA GLU A 39 9.22 -9.83 7.75
C GLU A 39 8.32 -8.61 7.66
N GLY A 40 8.40 -7.74 8.67
CA GLY A 40 7.67 -6.50 8.62
C GLY A 40 6.51 -6.38 9.58
N TYR A 41 6.11 -7.49 10.19
CA TYR A 41 4.88 -7.49 10.99
C TYR A 41 5.06 -7.47 12.50
N GLY A 42 6.30 -7.60 12.97
CA GLY A 42 6.55 -7.43 14.38
C GLY A 42 6.45 -8.70 15.19
N PRO A 43 6.44 -8.55 16.52
CA PRO A 43 6.55 -9.62 17.50
C PRO A 43 5.48 -10.69 17.39
N ALA A 44 5.78 -11.87 17.91
CA ALA A 44 4.81 -12.94 18.01
C ALA A 44 3.61 -12.49 18.85
N ARG A 45 2.49 -13.16 18.68
CA ARG A 45 1.29 -12.78 19.39
C ARG A 45 0.23 -13.84 19.22
N GLU A 46 -0.82 -13.74 20.04
CA GLU A 46 -1.96 -14.62 19.95
C GLU A 46 -2.65 -14.29 18.65
N MET A 47 -2.87 -15.31 17.84
CA MET A 47 -3.49 -15.10 16.56
C MET A 47 -4.58 -16.15 16.37
N TYR A 48 -5.77 -15.70 15.96
CA TYR A 48 -6.83 -16.61 15.55
C TYR A 48 -6.75 -16.88 14.06
N GLY A 49 -6.96 -18.13 13.67
CA GLY A 49 -7.12 -18.48 12.27
C GLY A 49 -8.48 -17.98 11.84
N LEU A 50 -8.62 -17.65 10.56
CA LEU A 50 -9.92 -17.28 10.06
C LEU A 50 -10.65 -18.54 9.62
N VAL A 51 -11.88 -18.70 10.10
CA VAL A 51 -12.72 -19.76 9.56
C VAL A 51 -13.31 -19.27 8.25
N TYR A 52 -13.23 -20.09 7.20
CA TYR A 52 -13.92 -19.75 5.97
C TYR A 52 -15.43 -19.98 6.12
N ASP A 53 -16.21 -18.91 5.96
CA ASP A 53 -17.65 -18.94 6.26
C ASP A 53 -18.51 -18.61 5.03
N CYS A 54 -19.24 -19.62 4.54
CA CYS A 54 -20.07 -19.47 3.36
C CYS A 54 -21.15 -18.39 3.51
N GLY A 55 -21.56 -18.12 4.74
CA GLY A 55 -22.46 -17.01 5.00
C GLY A 55 -21.77 -15.70 4.70
N LEU A 56 -20.55 -15.53 5.20
CA LEU A 56 -19.78 -14.32 4.92
C LEU A 56 -19.38 -14.23 3.45
N GLU A 57 -19.25 -15.37 2.78
CA GLU A 57 -19.01 -15.35 1.33
C GLU A 57 -20.22 -14.84 0.56
N GLU A 58 -21.41 -15.17 1.06
CA GLU A 58 -22.62 -14.67 0.45
C GLU A 58 -22.77 -13.17 0.73
N GLU A 59 -22.35 -12.73 1.92
CA GLU A 59 -22.36 -11.31 2.22
C GLU A 59 -21.40 -10.61 1.26
N ALA A 60 -20.25 -11.21 1.01
CA ALA A 60 -19.30 -10.62 0.09
C ALA A 60 -19.93 -10.46 -1.30
N ARG A 61 -20.71 -11.46 -1.70
CA ARG A 61 -21.42 -11.41 -2.96
C ARG A 61 -22.38 -10.21 -3.01
N LYS A 62 -23.10 -9.95 -1.91
CA LYS A 62 -24.04 -8.83 -1.86
C LYS A 62 -23.29 -7.49 -1.86
N GLU A 63 -22.13 -7.46 -1.23
CA GLU A 63 -21.29 -6.27 -1.20
C GLU A 63 -20.72 -5.93 -2.58
N ILE A 64 -20.44 -6.95 -3.40
CA ILE A 64 -19.99 -6.67 -4.75
C ILE A 64 -21.11 -6.02 -5.54
N LYS A 65 -22.32 -6.54 -5.41
CA LYS A 65 -23.41 -6.00 -6.22
C LYS A 65 -24.28 -4.97 -5.50
N LEU A 66 -23.66 -4.24 -4.57
CA LEU A 66 -24.28 -3.16 -3.83
C LEU A 66 -23.37 -2.69 -2.68
N PRO A 67 -22.27 -2.03 -3.02
CA PRO A 67 -21.27 -1.57 -2.04
C PRO A 67 -21.84 -0.78 -0.87
N GLY A 68 -21.45 -1.14 0.35
CA GLY A 68 -21.94 -0.45 1.54
C GLY A 68 -22.72 -1.41 2.40
N TYR A 69 -23.10 -2.52 1.79
CA TYR A 69 -23.88 -3.55 2.44
C TYR A 69 -23.21 -4.13 3.68
N ALA A 70 -21.95 -4.52 3.57
CA ALA A 70 -21.27 -5.20 4.68
C ALA A 70 -21.01 -4.25 5.84
N ASP A 71 -20.66 -3.01 5.53
CA ASP A 71 -20.50 -2.03 6.58
C ASP A 71 -21.76 -1.90 7.44
N LEU A 72 -22.92 -1.94 6.80
CA LEU A 72 -24.21 -1.92 7.50
C LEU A 72 -24.34 -3.04 8.53
N HIS A 73 -23.75 -4.19 8.24
CA HIS A 73 -23.77 -5.30 9.19
C HIS A 73 -22.52 -5.34 10.05
N HIS A 74 -21.78 -4.24 10.04
CA HIS A 74 -20.65 -4.07 10.94
C HIS A 74 -19.55 -5.10 10.69
N ARG A 75 -19.16 -5.21 9.43
CA ARG A 75 -18.19 -6.21 8.99
C ARG A 75 -16.92 -5.53 8.52
N GLY A 76 -15.82 -6.27 8.53
CA GLY A 76 -14.63 -5.82 7.83
C GLY A 76 -14.74 -6.22 6.36
N VAL A 77 -14.12 -5.46 5.48
CA VAL A 77 -14.19 -5.71 4.06
C VAL A 77 -12.81 -5.44 3.49
N THR A 78 -12.37 -6.29 2.57
CA THR A 78 -11.18 -5.99 1.77
C THR A 78 -11.52 -6.16 0.30
N ARG A 79 -10.84 -5.40 -0.54
CA ARG A 79 -11.10 -5.45 -1.96
C ARG A 79 -9.81 -5.63 -2.71
N PHE A 80 -9.85 -6.46 -3.75
CA PHE A 80 -8.71 -6.56 -4.65
C PHE A 80 -9.17 -6.92 -6.08
N SER A 81 -8.55 -6.27 -7.05
CA SER A 81 -8.89 -6.49 -8.45
C SER A 81 -7.64 -6.38 -9.32
N GLY A 82 -7.78 -6.78 -10.56
CA GLY A 82 -6.71 -6.63 -11.53
C GLY A 82 -7.19 -6.90 -12.93
N ASP A 83 -6.57 -6.22 -13.90
CA ASP A 83 -6.72 -6.59 -15.30
C ASP A 83 -5.88 -7.84 -15.52
N TYR A 84 -6.34 -8.74 -16.36
CA TYR A 84 -5.58 -9.97 -16.63
C TYR A 84 -5.97 -10.58 -17.97
N GLU A 85 -5.22 -11.58 -18.40
CA GLU A 85 -5.42 -12.19 -19.72
C GLU A 85 -5.29 -13.71 -19.74
N GLY A 86 -4.43 -14.26 -18.89
CA GLY A 86 -4.22 -15.70 -18.89
C GLY A 86 -5.33 -16.44 -18.19
N SER A 87 -4.95 -17.51 -17.49
CA SER A 87 -5.87 -18.27 -16.66
C SER A 87 -6.36 -17.39 -15.52
N ALA A 88 -7.65 -17.49 -15.24
CA ALA A 88 -8.26 -16.70 -14.17
C ALA A 88 -7.57 -16.96 -12.84
N ILE A 89 -7.28 -18.22 -12.57
CA ILE A 89 -6.72 -18.60 -11.28
C ILE A 89 -5.30 -18.05 -11.09
N SER A 90 -4.49 -18.02 -12.14
CA SER A 90 -3.14 -17.48 -11.99
C SER A 90 -3.14 -15.96 -11.88
N ALA A 91 -4.18 -15.33 -12.43
CA ALA A 91 -4.33 -13.90 -12.33
C ALA A 91 -4.49 -13.55 -10.86
N LEU A 92 -5.36 -14.31 -10.20
CA LEU A 92 -5.71 -14.09 -8.81
C LEU A 92 -4.52 -14.36 -7.90
N LYS A 93 -3.78 -15.41 -8.17
CA LYS A 93 -2.57 -15.66 -7.40
C LYS A 93 -1.70 -14.41 -7.38
N GLU A 94 -1.66 -13.71 -8.50
CA GLU A 94 -0.77 -12.56 -8.66
C GLU A 94 -1.32 -11.32 -7.98
N ILE A 95 -2.59 -11.06 -8.25
CA ILE A 95 -3.34 -10.03 -7.59
C ILE A 95 -3.18 -10.07 -6.08
N LEU A 96 -3.16 -11.26 -5.50
CA LEU A 96 -2.99 -11.39 -4.05
C LEU A 96 -1.61 -10.91 -3.61
N GLU A 97 -0.60 -11.25 -4.41
CA GLU A 97 0.77 -10.80 -4.16
C GLU A 97 0.78 -9.27 -4.09
N THR A 98 0.14 -8.66 -5.08
CA THR A 98 -0.03 -7.21 -5.16
C THR A 98 -0.86 -6.66 -4.00
N PHE A 99 -1.95 -7.36 -3.71
CA PHE A 99 -2.83 -7.07 -2.59
C PHE A 99 -2.03 -7.04 -1.31
N SER A 100 -1.08 -7.96 -1.20
CA SER A 100 -0.35 -8.12 0.06
C SER A 100 0.60 -6.97 0.32
N ALA A 101 0.63 -6.00 -0.60
CA ALA A 101 1.46 -4.79 -0.46
C ALA A 101 0.61 -3.55 -0.18
N ASP A 102 -0.65 -3.78 0.19
CA ASP A 102 -1.53 -2.70 0.57
C ASP A 102 -1.61 -2.66 2.10
N LYS A 103 -0.78 -1.82 2.72
CA LYS A 103 -0.71 -1.76 4.18
C LYS A 103 -2.08 -1.62 4.79
N ASN A 104 -2.94 -0.87 4.12
CA ASN A 104 -4.29 -0.63 4.59
C ASN A 104 -5.14 -1.89 4.60
N SER A 105 -5.20 -2.53 3.44
CA SER A 105 -5.93 -3.79 3.31
C SER A 105 -5.43 -4.80 4.34
N MET A 106 -4.12 -4.96 4.40
CA MET A 106 -3.53 -6.02 5.22
C MET A 106 -3.80 -5.89 6.71
N ARG A 107 -4.29 -4.74 7.17
CA ARG A 107 -4.63 -4.57 8.58
C ARG A 107 -5.85 -5.40 8.89
N GLN A 108 -6.75 -5.52 7.92
CA GLN A 108 -7.93 -6.34 8.12
C GLN A 108 -7.57 -7.81 8.00
N VAL A 109 -6.71 -8.12 7.03
CA VAL A 109 -6.27 -9.47 6.75
C VAL A 109 -5.56 -10.09 7.96
N VAL A 110 -4.91 -9.26 8.75
CA VAL A 110 -3.97 -9.72 9.78
C VAL A 110 -4.48 -9.48 11.21
N TYR A 111 -5.59 -8.75 11.32
CA TYR A 111 -6.20 -8.47 12.62
C TYR A 111 -6.35 -9.75 13.46
N PRO A 112 -5.59 -9.85 14.55
CA PRO A 112 -5.61 -11.11 15.32
C PRO A 112 -6.98 -11.49 15.93
N LYS A 113 -7.87 -10.52 16.09
CA LYS A 113 -9.16 -10.77 16.73
C LYS A 113 -10.32 -11.07 15.77
N ALA A 114 -10.03 -11.21 14.48
CA ALA A 114 -11.01 -11.72 13.53
C ALA A 114 -11.00 -13.24 13.53
N THR A 115 -12.17 -13.86 13.40
CA THR A 115 -12.25 -15.31 13.51
C THR A 115 -12.89 -16.00 12.31
N ARG A 116 -13.52 -15.23 11.44
CA ARG A 116 -14.09 -15.80 10.22
C ARG A 116 -14.23 -14.80 9.07
N PHE A 117 -14.19 -15.32 7.83
CA PHE A 117 -14.32 -14.49 6.65
C PHE A 117 -14.80 -15.29 5.47
N GLY A 118 -15.25 -14.59 4.44
CA GLY A 118 -15.70 -15.21 3.21
C GLY A 118 -15.49 -14.22 2.08
N CYS A 119 -15.12 -14.71 0.92
CA CYS A 119 -14.84 -13.81 -0.18
C CYS A 119 -15.69 -14.21 -1.37
N SER A 120 -15.83 -13.29 -2.32
CA SER A 120 -16.52 -13.60 -3.55
C SER A 120 -15.95 -12.72 -4.64
N GLY A 121 -16.08 -13.15 -5.90
CA GLY A 121 -15.53 -12.38 -7.01
C GLY A 121 -16.40 -12.37 -8.26
N ARG A 122 -16.21 -11.38 -9.13
CA ARG A 122 -16.87 -11.44 -10.43
C ARG A 122 -15.95 -11.08 -11.59
N LEU A 123 -16.10 -11.79 -12.70
CA LEU A 123 -15.33 -11.55 -13.90
C LEU A 123 -16.08 -10.59 -14.81
N ARG A 124 -15.36 -9.63 -15.38
CA ARG A 124 -15.93 -8.61 -16.24
C ARG A 124 -15.10 -8.44 -17.50
N ARG A 132 -10.15 -8.21 -19.88
CA ARG A 132 -10.67 -9.03 -18.79
C ARG A 132 -10.23 -8.49 -17.42
N ARG A 133 -11.18 -8.44 -16.49
CA ARG A 133 -10.92 -7.94 -15.14
C ARG A 133 -11.59 -8.87 -14.13
N MET A 134 -10.94 -9.10 -13.00
CA MET A 134 -11.56 -9.75 -11.85
C MET A 134 -11.62 -8.81 -10.65
N ASP A 135 -12.77 -8.82 -9.97
CA ASP A 135 -12.95 -8.10 -8.71
C ASP A 135 -13.34 -9.07 -7.61
N TRP A 136 -12.65 -8.96 -6.47
CA TRP A 136 -12.96 -9.75 -5.27
C TRP A 136 -13.25 -8.84 -4.08
N VAL A 137 -14.17 -9.26 -3.24
CA VAL A 137 -14.18 -8.76 -1.86
C VAL A 137 -14.18 -9.93 -0.88
N CYS A 138 -13.57 -9.71 0.27
CA CYS A 138 -13.76 -10.58 1.42
C CYS A 138 -14.48 -9.81 2.54
N VAL A 139 -15.39 -10.50 3.22
CA VAL A 139 -16.03 -9.98 4.41
C VAL A 139 -15.48 -10.64 5.67
N TYR A 140 -15.21 -9.87 6.70
CA TYR A 140 -14.65 -10.40 7.94
C TYR A 140 -15.60 -10.11 9.10
N ASP A 141 -15.64 -11.01 10.08
CA ASP A 141 -16.57 -10.80 11.19
C ASP A 141 -16.12 -9.65 12.10
N LYS A 142 -14.81 -9.53 12.30
CA LYS A 142 -14.30 -8.43 13.12
C LYS A 142 -13.42 -7.46 12.36
N LYS A 143 -13.70 -6.18 12.52
CA LYS A 143 -12.96 -5.12 11.85
C LYS A 143 -12.13 -4.34 12.86
N PRO A 144 -10.82 -4.21 12.62
CA PRO A 144 -10.03 -3.47 13.59
C PRO A 144 -10.42 -1.99 13.59
N LYS A 145 -9.96 -1.24 14.59
CA LYS A 145 -10.09 0.21 14.61
C LYS A 145 -8.76 0.87 14.23
N ASP A 146 -8.81 2.09 13.69
CA ASP A 146 -7.58 2.80 13.38
C ASP A 146 -6.81 2.97 14.67
N GLY A 147 -5.52 2.63 14.63
CA GLY A 147 -4.65 2.77 15.78
C GLY A 147 -4.74 1.66 16.83
N GLU A 148 -5.67 0.72 16.64
CA GLU A 148 -5.79 -0.40 17.57
C GLU A 148 -4.55 -1.27 17.50
N SER A 149 -4.00 -1.58 18.67
CA SER A 149 -2.81 -2.43 18.71
C SER A 149 -3.17 -3.88 18.42
N PHE A 150 -2.31 -4.58 17.69
CA PHE A 150 -2.56 -5.97 17.36
C PHE A 150 -1.72 -6.89 18.26
N GLU A 151 -0.67 -6.34 18.86
CA GLU A 151 0.21 -7.15 19.69
C GLU A 151 -0.51 -7.69 20.92
N GLY A 152 0.00 -8.78 21.49
CA GLY A 152 -0.64 -9.40 22.64
C GLY A 152 -0.43 -10.90 22.71
N GLY A 153 -0.37 -11.43 23.93
CA GLY A 153 -0.32 -12.87 24.16
C GLY A 153 0.80 -13.58 23.46
N LYS A 154 0.60 -14.86 23.18
CA LYS A 154 1.61 -15.73 22.56
C LYS A 154 0.97 -16.65 21.53
N PRO A 155 1.76 -17.15 20.57
CA PRO A 155 1.21 -18.15 19.67
C PRO A 155 0.81 -19.38 20.48
N CYS A 156 -0.28 -20.04 20.12
CA CYS A 156 -0.81 -21.12 20.95
C CYS A 156 -0.18 -22.45 20.62
N ASN A 157 0.07 -23.26 21.66
CA ASN A 157 0.47 -24.66 21.48
C ASN A 157 -0.68 -25.58 21.86
N GLU A 158 -1.38 -25.23 22.92
CA GLU A 158 -2.55 -25.96 23.34
C GLU A 158 -3.73 -25.03 23.63
N ASN A 159 -4.93 -25.55 23.46
CA ASN A 159 -6.18 -24.82 23.60
C ASN A 159 -6.21 -23.77 24.72
N LYS A 160 -5.64 -24.09 25.87
CA LYS A 160 -5.59 -23.15 26.98
C LYS A 160 -4.95 -21.83 26.56
N ASP A 161 -4.02 -21.89 25.62
CA ASP A 161 -3.25 -20.71 25.19
C ASP A 161 -4.08 -19.64 24.47
N CYS A 162 -5.30 -19.98 24.08
CA CYS A 162 -6.17 -19.03 23.39
C CYS A 162 -7.10 -18.33 24.37
N THR A 163 -7.02 -17.00 24.40
CA THR A 163 -7.71 -16.21 25.42
C THR A 163 -8.72 -15.22 24.86
N TYR A 164 -8.60 -14.83 23.60
CA TYR A 164 -9.50 -13.80 23.11
C TYR A 164 -10.94 -14.25 23.16
N TYR A 165 -11.20 -15.51 22.85
CA TYR A 165 -12.58 -15.96 22.71
C TYR A 165 -12.80 -17.28 23.42
N LYS A 166 -14.04 -17.48 23.86
CA LYS A 166 -14.45 -18.73 24.50
C LYS A 166 -14.42 -19.92 23.54
N GLY A 167 -14.05 -21.08 24.06
CA GLY A 167 -14.11 -22.33 23.31
C GLY A 167 -13.27 -22.38 22.05
N SER A 168 -11.99 -22.06 22.18
CA SER A 168 -11.10 -22.12 21.02
C SER A 168 -10.24 -23.39 20.99
N THR A 169 -10.07 -23.95 19.80
CA THR A 169 -9.16 -25.08 19.56
C THR A 169 -7.86 -24.55 18.95
N CYS A 170 -6.74 -24.76 19.63
CA CYS A 170 -5.48 -24.37 19.04
C CYS A 170 -4.96 -25.43 18.07
N GLU A 171 -4.66 -25.00 16.85
CA GLU A 171 -4.16 -25.91 15.83
C GLU A 171 -3.19 -25.17 14.93
N TRP A 172 -2.07 -25.80 14.60
CA TRP A 172 -1.04 -25.15 13.79
C TRP A 172 -0.71 -23.75 14.33
N ASN A 173 -0.48 -23.67 15.63
CA ASN A 173 -0.33 -22.41 16.35
C ASN A 173 -1.25 -21.28 15.89
N LEU A 174 -2.50 -21.64 15.65
CA LEU A 174 -3.55 -20.68 15.41
C LEU A 174 -4.77 -21.09 16.23
N CYS A 175 -5.44 -20.11 16.82
CA CYS A 175 -6.65 -20.37 17.58
C CYS A 175 -7.88 -20.30 16.70
N TYR A 176 -8.76 -21.27 16.87
CA TYR A 176 -9.99 -21.33 16.10
C TYR A 176 -11.16 -21.36 17.06
N THR A 177 -12.21 -20.62 16.74
CA THR A 177 -13.47 -20.70 17.47
C THR A 177 -14.62 -20.55 16.48
N PHE A 178 -15.74 -21.22 16.78
CA PHE A 178 -16.92 -21.16 15.92
C PHE A 178 -17.98 -20.30 16.55
N PHE A 179 -17.64 -19.71 17.69
CA PHE A 179 -18.53 -18.87 18.48
C PHE A 179 -17.77 -17.63 18.96
N ALA A 180 -17.69 -16.61 18.11
CA ALA A 180 -17.10 -15.33 18.49
C ALA A 180 -18.18 -14.24 18.56
N ALA A 181 -19.44 -14.68 18.49
CA ALA A 181 -20.59 -13.81 18.54
C ALA A 181 -21.58 -14.28 19.62
N ASP B 2 6.68 8.23 9.25
CA ASP B 2 6.68 8.51 7.82
C ASP B 2 5.53 7.82 7.10
N ILE B 3 4.46 8.57 6.84
CA ILE B 3 3.31 8.04 6.10
C ILE B 3 2.98 8.96 4.92
N ILE B 4 2.23 8.44 3.95
CA ILE B 4 1.90 9.21 2.76
C ILE B 4 1.08 10.45 3.09
N VAL B 5 1.37 11.54 2.39
CA VAL B 5 0.59 12.77 2.53
C VAL B 5 0.02 13.15 1.17
N ASP B 6 -1.30 13.19 1.13
CA ASP B 6 -2.06 13.09 -0.09
C ASP B 6 -2.78 14.39 -0.37
N ASN B 7 -3.23 14.59 -1.60
CA ASN B 7 -3.92 15.81 -1.93
C ASN B 7 -4.62 15.72 -3.28
N GLN B 8 -5.93 15.87 -3.24
CA GLN B 8 -6.74 16.13 -4.44
C GLN B 8 -7.45 14.96 -5.11
N GLY B 9 -8.25 14.22 -4.33
CA GLY B 9 -9.39 13.49 -4.86
C GLY B 9 -9.23 12.33 -5.83
N SER B 10 -9.60 12.53 -7.11
CA SER B 10 -9.87 11.42 -8.02
C SER B 10 -9.17 11.41 -9.39
N GLY B 11 -7.97 11.97 -9.45
CA GLY B 11 -7.08 11.84 -10.61
C GLY B 11 -5.99 10.87 -10.20
N CYS B 12 -6.10 10.35 -8.98
CA CYS B 12 -5.32 9.19 -8.57
C CYS B 12 -6.03 7.95 -9.12
N MET B 13 -5.56 7.45 -10.26
CA MET B 13 -6.11 6.21 -10.78
C MET B 13 -5.26 4.99 -10.41
N VAL B 14 -3.96 5.21 -10.26
CA VAL B 14 -3.02 4.15 -9.95
C VAL B 14 -3.37 3.52 -8.62
N ASP B 15 -3.32 2.20 -8.54
CA ASP B 15 -3.79 1.53 -7.36
C ASP B 15 -2.87 1.76 -6.15
N ARG B 16 -3.50 1.98 -4.99
CA ARG B 16 -2.85 2.37 -3.75
C ARG B 16 -1.51 1.70 -3.41
N PRO B 17 -1.39 0.37 -3.58
CA PRO B 17 -0.07 -0.23 -3.32
C PRO B 17 1.07 0.30 -4.21
N PHE B 18 0.75 0.67 -5.44
CA PHE B 18 1.75 1.18 -6.37
C PHE B 18 2.08 2.63 -6.01
N ARG B 19 1.04 3.41 -5.77
CA ARG B 19 1.19 4.78 -5.31
C ARG B 19 2.03 4.86 -4.05
N GLU B 20 1.80 3.96 -3.10
CA GLU B 20 2.53 4.02 -1.82
C GLU B 20 3.93 3.46 -1.89
N ALA B 21 4.17 2.48 -2.76
CA ALA B 21 5.53 2.04 -3.00
C ALA B 21 6.37 3.21 -3.52
N ILE B 22 5.85 3.91 -4.53
CA ILE B 22 6.60 4.99 -5.15
C ILE B 22 6.74 6.16 -4.19
N ASP B 23 5.70 6.42 -3.42
CA ASP B 23 5.74 7.50 -2.44
C ASP B 23 6.77 7.22 -1.36
N THR B 24 6.91 5.96 -0.95
CA THR B 24 7.84 5.62 0.11
C THR B 24 9.28 5.62 -0.41
N PHE B 25 9.47 5.21 -1.65
CA PHE B 25 10.76 5.27 -2.28
C PHE B 25 11.27 6.70 -2.28
N HIS B 26 10.41 7.63 -2.69
CA HIS B 26 10.74 9.05 -2.69
C HIS B 26 11.04 9.61 -1.30
N ASN B 27 10.06 9.53 -0.41
CA ASN B 27 10.16 10.23 0.86
C ASN B 27 11.07 9.57 1.91
N GLY B 28 11.26 8.26 1.80
CA GLY B 28 12.26 7.56 2.58
C GLY B 28 13.66 8.09 2.30
N LEU B 29 14.02 8.12 1.02
CA LEU B 29 15.32 8.67 0.63
C LEU B 29 15.50 10.07 1.16
N ARG B 30 14.57 10.95 0.80
CA ARG B 30 14.64 12.36 1.20
C ARG B 30 14.86 12.54 2.69
N GLN B 31 14.14 11.73 3.46
CA GLN B 31 14.29 11.73 4.91
C GLN B 31 15.69 11.31 5.31
N ARG B 32 16.16 10.19 4.76
CA ARG B 32 17.53 9.76 5.01
C ARG B 32 18.54 10.85 4.68
N ILE B 33 18.31 11.52 3.55
CA ILE B 33 19.18 12.60 3.11
C ILE B 33 19.11 13.83 4.01
N ALA B 34 17.91 14.18 4.45
CA ALA B 34 17.74 15.29 5.38
C ALA B 34 18.58 15.04 6.62
N LYS B 35 18.45 13.84 7.18
CA LYS B 35 19.19 13.45 8.37
C LYS B 35 20.69 13.23 8.07
N GLY B 36 21.04 13.28 6.79
CA GLY B 36 22.42 13.14 6.38
C GLY B 36 22.94 11.71 6.39
N GLU B 37 22.03 10.74 6.40
CA GLU B 37 22.39 9.34 6.61
C GLU B 37 22.38 8.49 5.34
N ALA B 38 22.17 9.12 4.19
CA ALA B 38 22.06 8.41 2.93
C ALA B 38 23.40 8.40 2.21
N GLU B 39 24.03 7.24 2.18
CA GLU B 39 25.41 7.13 1.70
C GLU B 39 25.62 7.66 0.27
N GLY B 40 26.34 8.78 0.16
CA GLY B 40 26.67 9.32 -1.14
C GLY B 40 25.87 10.55 -1.56
N TYR B 41 24.88 10.92 -0.75
CA TYR B 41 24.05 12.08 -1.07
C TYR B 41 24.44 13.31 -0.27
N GLY B 42 25.46 13.20 0.57
CA GLY B 42 25.99 14.36 1.27
C GLY B 42 25.30 14.68 2.58
N PRO B 43 25.61 15.86 3.14
CA PRO B 43 25.25 16.32 4.49
C PRO B 43 23.77 16.60 4.73
N ALA B 44 23.40 16.68 6.00
CA ALA B 44 22.07 17.12 6.42
C ALA B 44 21.66 18.46 5.82
N ARG B 45 20.39 18.58 5.46
CA ARG B 45 19.85 19.83 4.93
C ARG B 45 18.35 19.97 5.16
N GLU B 46 17.85 21.18 4.91
CA GLU B 46 16.42 21.39 4.82
C GLU B 46 15.92 20.58 3.63
N MET B 47 14.76 19.94 3.80
CA MET B 47 14.26 18.99 2.83
C MET B 47 12.76 18.91 2.96
N TYR B 48 12.07 19.12 1.85
CA TYR B 48 10.63 18.99 1.86
C TYR B 48 10.23 17.54 1.60
N GLY B 49 9.15 17.10 2.22
CA GLY B 49 8.54 15.85 1.83
C GLY B 49 7.82 16.14 0.54
N LEU B 50 7.59 15.13 -0.26
CA LEU B 50 6.79 15.31 -1.46
C LEU B 50 5.35 14.97 -1.14
N VAL B 51 4.47 15.95 -1.26
CA VAL B 51 3.04 15.70 -1.20
C VAL B 51 2.63 14.86 -2.41
N TYR B 52 1.95 13.73 -2.18
CA TYR B 52 1.43 13.00 -3.32
C TYR B 52 0.15 13.70 -3.78
N ASP B 53 0.17 14.16 -5.02
CA ASP B 53 -0.85 15.05 -5.56
C ASP B 53 -1.56 14.36 -6.73
N CYS B 54 -2.87 14.17 -6.60
CA CYS B 54 -3.63 13.46 -7.62
C CYS B 54 -3.70 14.26 -8.91
N GLY B 55 -3.51 15.57 -8.80
CA GLY B 55 -3.48 16.41 -9.98
C GLY B 55 -2.24 16.15 -10.80
N LEU B 56 -1.10 16.00 -10.11
CA LEU B 56 0.15 15.78 -10.82
C LEU B 56 0.23 14.37 -11.40
N GLU B 57 -0.44 13.43 -10.77
CA GLU B 57 -0.62 12.13 -11.39
C GLU B 57 -1.32 12.25 -12.73
N GLU B 58 -2.41 13.00 -12.77
CA GLU B 58 -3.14 13.16 -14.03
C GLU B 58 -2.20 13.75 -15.07
N GLU B 59 -1.41 14.74 -14.70
CA GLU B 59 -0.45 15.30 -15.65
C GLU B 59 0.52 14.23 -16.09
N ALA B 60 0.83 13.30 -15.20
CA ALA B 60 1.77 12.25 -15.53
C ALA B 60 1.14 11.23 -16.50
N ARG B 61 -0.16 10.97 -16.33
CA ARG B 61 -0.91 10.19 -17.28
C ARG B 61 -0.81 10.83 -18.65
N LYS B 62 -1.17 12.11 -18.70
CA LYS B 62 -1.14 12.88 -19.93
C LYS B 62 0.24 12.91 -20.58
N GLU B 63 1.29 12.97 -19.77
CA GLU B 63 2.64 12.92 -20.33
C GLU B 63 2.88 11.57 -21.01
N ILE B 64 2.41 10.48 -20.41
CA ILE B 64 2.52 9.15 -21.04
C ILE B 64 1.84 9.09 -22.41
N LYS B 65 0.63 9.67 -22.50
CA LYS B 65 -0.12 9.76 -23.77
C LYS B 65 0.48 10.73 -24.78
N LEU B 66 0.97 11.86 -24.28
CA LEU B 66 1.46 12.93 -25.16
C LEU B 66 2.74 13.49 -24.57
N PRO B 67 3.89 12.88 -24.92
CA PRO B 67 5.18 13.30 -24.36
C PRO B 67 5.44 14.76 -24.67
N GLY B 68 5.75 15.53 -23.65
CA GLY B 68 5.98 16.95 -23.82
C GLY B 68 5.02 17.74 -22.95
N TYR B 69 3.99 17.07 -22.49
CA TYR B 69 2.93 17.72 -21.75
C TYR B 69 3.41 18.35 -20.47
N ALA B 70 4.23 17.63 -19.70
CA ALA B 70 4.68 18.15 -18.41
C ALA B 70 5.59 19.35 -18.62
N ASP B 71 6.41 19.28 -19.65
CA ASP B 71 7.28 20.38 -20.02
C ASP B 71 6.49 21.63 -20.27
N LEU B 72 5.31 21.47 -20.89
CA LEU B 72 4.46 22.61 -21.19
C LEU B 72 4.10 23.35 -19.92
N HIS B 73 3.83 22.60 -18.87
CA HIS B 73 3.38 23.17 -17.60
C HIS B 73 4.53 23.42 -16.64
N HIS B 74 5.74 23.27 -17.16
CA HIS B 74 6.91 23.68 -16.40
C HIS B 74 7.15 22.77 -15.21
N ARG B 75 6.97 21.47 -15.42
CA ARG B 75 7.16 20.47 -14.37
C ARG B 75 8.50 19.77 -14.49
N GLY B 76 8.95 19.18 -13.40
CA GLY B 76 10.02 18.20 -13.44
C GLY B 76 9.42 16.83 -13.73
N VAL B 77 10.23 15.92 -14.28
CA VAL B 77 9.71 14.66 -14.77
C VAL B 77 10.73 13.55 -14.56
N THR B 78 10.27 12.38 -14.13
CA THR B 78 11.12 11.20 -14.18
C THR B 78 10.43 10.02 -14.84
N ARG B 79 11.25 9.12 -15.37
CA ARG B 79 10.74 7.98 -16.11
C ARG B 79 11.52 6.76 -15.74
N PHE B 80 10.81 5.68 -15.43
CA PHE B 80 11.44 4.40 -15.16
C PHE B 80 10.54 3.28 -15.64
N SER B 81 11.14 2.27 -16.25
CA SER B 81 10.37 1.13 -16.75
C SER B 81 11.23 -0.14 -16.75
N GLY B 82 10.70 -1.22 -17.34
CA GLY B 82 11.43 -2.46 -17.35
C GLY B 82 10.56 -3.66 -17.68
N ASP B 83 11.18 -4.65 -18.31
CA ASP B 83 10.51 -5.91 -18.62
C ASP B 83 10.45 -6.72 -17.35
N TYR B 84 9.40 -7.51 -17.19
CA TYR B 84 9.26 -8.27 -15.95
C TYR B 84 8.46 -9.56 -16.16
N GLU B 85 8.70 -10.54 -15.30
CA GLU B 85 7.99 -11.81 -15.34
C GLU B 85 7.18 -12.05 -14.07
N GLY B 86 7.70 -11.59 -12.93
CA GLY B 86 7.06 -11.78 -11.64
C GLY B 86 5.73 -11.06 -11.48
N SER B 87 5.42 -10.67 -10.25
CA SER B 87 4.20 -9.94 -9.95
C SER B 87 4.44 -8.46 -10.11
N ALA B 88 3.46 -7.75 -10.66
CA ALA B 88 3.63 -6.34 -10.97
C ALA B 88 4.34 -5.58 -9.85
N ILE B 89 3.83 -5.69 -8.63
CA ILE B 89 4.44 -5.03 -7.48
C ILE B 89 5.91 -5.41 -7.32
N SER B 90 6.26 -6.64 -7.66
CA SER B 90 7.65 -7.09 -7.61
C SER B 90 8.51 -6.47 -8.69
N ALA B 91 7.90 -6.27 -9.86
CA ALA B 91 8.57 -5.58 -10.95
C ALA B 91 8.93 -4.15 -10.51
N LEU B 92 7.98 -3.50 -9.83
CA LEU B 92 8.15 -2.12 -9.45
C LEU B 92 9.29 -1.98 -8.45
N LYS B 93 9.32 -2.83 -7.45
CA LYS B 93 10.36 -2.72 -6.43
C LYS B 93 11.71 -2.85 -7.10
N GLU B 94 11.80 -3.75 -8.06
CA GLU B 94 13.06 -4.00 -8.75
C GLU B 94 13.42 -2.83 -9.66
N ILE B 95 12.48 -2.41 -10.50
CA ILE B 95 12.64 -1.19 -11.30
C ILE B 95 13.02 0.03 -10.45
N LEU B 96 12.47 0.15 -9.25
CA LEU B 96 12.80 1.28 -8.40
C LEU B 96 14.24 1.18 -7.90
N GLU B 97 14.67 -0.03 -7.58
CA GLU B 97 16.04 -0.23 -7.08
C GLU B 97 17.04 0.06 -8.18
N THR B 98 16.74 -0.36 -9.40
CA THR B 98 17.60 -0.03 -10.54
C THR B 98 17.60 1.46 -10.89
N PHE B 99 16.40 2.01 -11.06
CA PHE B 99 16.19 3.44 -11.25
C PHE B 99 17.01 4.23 -10.22
N SER B 100 17.07 3.75 -8.99
CA SER B 100 17.75 4.48 -7.93
C SER B 100 19.23 4.65 -8.18
N ALA B 101 19.73 4.02 -9.25
CA ALA B 101 21.16 4.04 -9.56
C ALA B 101 21.49 5.10 -10.61
N ASP B 102 20.44 5.67 -11.17
CA ASP B 102 20.52 6.70 -12.18
C ASP B 102 20.72 8.10 -11.57
N LYS B 103 21.97 8.49 -11.37
CA LYS B 103 22.30 9.80 -10.78
C LYS B 103 21.43 10.93 -11.28
N ASN B 104 21.22 11.00 -12.59
CA ASN B 104 20.52 12.12 -13.20
C ASN B 104 19.04 12.18 -12.85
N SER B 105 18.39 11.02 -12.80
CA SER B 105 16.98 10.93 -12.47
C SER B 105 16.76 11.23 -11.00
N MET B 106 17.68 10.74 -10.16
CA MET B 106 17.57 10.90 -8.73
C MET B 106 17.74 12.36 -8.33
N ARG B 107 18.24 13.15 -9.27
CA ARG B 107 18.37 14.59 -9.09
C ARG B 107 17.00 15.19 -8.86
N GLN B 108 16.05 14.80 -9.70
CA GLN B 108 14.70 15.32 -9.58
C GLN B 108 14.05 14.70 -8.38
N VAL B 109 14.29 13.41 -8.18
CA VAL B 109 13.69 12.62 -7.10
C VAL B 109 13.99 13.21 -5.72
N VAL B 110 15.11 13.91 -5.63
CA VAL B 110 15.75 14.15 -4.36
C VAL B 110 15.91 15.64 -4.11
N TYR B 111 15.50 16.43 -5.11
CA TYR B 111 15.53 17.90 -5.08
C TYR B 111 14.82 18.47 -3.85
N PRO B 112 15.57 19.09 -2.93
CA PRO B 112 14.95 19.55 -1.69
C PRO B 112 13.80 20.54 -1.88
N LYS B 113 13.73 21.18 -3.05
CA LYS B 113 12.77 22.26 -3.23
C LYS B 113 11.51 21.85 -3.98
N ALA B 114 11.40 20.57 -4.31
CA ALA B 114 10.15 20.08 -4.87
C ALA B 114 9.23 19.72 -3.70
N THR B 115 7.93 19.96 -3.87
CA THR B 115 7.00 19.80 -2.76
C THR B 115 5.77 18.95 -3.10
N ARG B 116 5.59 18.62 -4.37
CA ARG B 116 4.45 17.84 -4.80
C ARG B 116 4.86 16.96 -5.96
N PHE B 117 4.22 15.80 -6.07
CA PHE B 117 4.47 14.88 -7.18
C PHE B 117 3.35 13.86 -7.30
N GLY B 118 3.35 13.16 -8.42
CA GLY B 118 2.37 12.11 -8.67
C GLY B 118 2.83 11.32 -9.87
N CYS B 119 2.38 10.08 -10.00
CA CYS B 119 2.94 9.20 -11.01
C CYS B 119 1.85 8.36 -11.66
N SER B 120 2.10 7.99 -12.91
CA SER B 120 1.20 7.12 -13.63
C SER B 120 2.01 6.08 -14.41
N GLY B 121 1.39 4.95 -14.70
CA GLY B 121 2.09 3.90 -15.40
C GLY B 121 1.16 3.19 -16.36
N ARG B 122 1.73 2.37 -17.23
CA ARG B 122 0.93 1.49 -18.06
C ARG B 122 1.62 0.17 -18.32
N LEU B 123 0.83 -0.85 -18.62
CA LEU B 123 1.32 -2.19 -18.92
C LEU B 123 1.17 -2.50 -20.41
N ARG B 124 2.29 -2.68 -21.11
CA ARG B 124 2.26 -3.05 -22.52
C ARG B 124 2.26 -4.57 -22.66
N ARG B 132 6.31 -9.11 -20.64
CA ARG B 132 5.56 -8.01 -20.07
C ARG B 132 6.45 -6.83 -19.71
N ARG B 133 5.92 -5.62 -19.93
CA ARG B 133 6.66 -4.39 -19.70
C ARG B 133 5.80 -3.43 -18.90
N MET B 134 6.39 -2.74 -17.94
CA MET B 134 5.70 -1.64 -17.26
C MET B 134 6.41 -0.30 -17.43
N ASP B 135 5.65 0.74 -17.73
CA ASP B 135 6.23 2.07 -17.91
C ASP B 135 5.74 3.06 -16.86
N TRP B 136 6.66 3.77 -16.21
CA TRP B 136 6.24 4.79 -15.24
C TRP B 136 6.77 6.18 -15.57
N VAL B 137 5.97 7.20 -15.34
CA VAL B 137 6.50 8.56 -15.28
C VAL B 137 5.97 9.27 -14.05
N CYS B 138 6.75 10.21 -13.55
CA CYS B 138 6.41 10.97 -12.37
C CYS B 138 6.56 12.43 -12.68
N VAL B 139 5.57 13.23 -12.28
CA VAL B 139 5.64 14.67 -12.49
C VAL B 139 5.88 15.37 -11.16
N TYR B 140 6.74 16.37 -11.16
CA TYR B 140 7.05 17.12 -9.95
C TYR B 140 6.74 18.61 -10.16
N ASP B 141 6.52 19.35 -9.08
CA ASP B 141 6.13 20.74 -9.22
C ASP B 141 7.33 21.62 -9.49
N LYS B 142 8.48 21.30 -8.89
CA LYS B 142 9.65 22.09 -9.16
C LYS B 142 10.82 21.28 -9.68
N LYS B 143 11.46 21.79 -10.73
CA LYS B 143 12.55 21.11 -11.42
C LYS B 143 13.90 21.76 -11.10
N PRO B 144 14.92 20.96 -10.72
CA PRO B 144 16.21 21.60 -10.43
C PRO B 144 16.86 22.14 -11.71
N LYS B 145 17.70 23.16 -11.56
CA LYS B 145 18.50 23.67 -12.66
C LYS B 145 19.81 22.88 -12.71
N ASP B 146 20.42 22.81 -13.88
CA ASP B 146 21.71 22.15 -14.02
C ASP B 146 22.75 22.88 -13.15
N GLY B 147 23.45 22.11 -12.34
CA GLY B 147 24.49 22.67 -11.47
C GLY B 147 23.97 23.27 -10.18
N GLU B 148 22.65 23.22 -9.99
CA GLU B 148 22.04 23.73 -8.77
C GLU B 148 22.42 22.93 -7.51
N SER B 149 22.88 23.66 -6.50
CA SER B 149 23.23 23.07 -5.23
C SER B 149 21.98 22.69 -4.45
N PHE B 150 22.01 21.52 -3.81
CA PHE B 150 20.85 21.06 -3.05
C PHE B 150 21.09 21.25 -1.57
N GLU B 151 22.33 21.57 -1.21
CA GLU B 151 22.71 21.79 0.20
C GLU B 151 22.09 23.05 0.78
N GLY B 152 22.07 23.15 2.10
CA GLY B 152 21.53 24.33 2.78
C GLY B 152 20.70 24.00 4.00
N GLY B 153 20.81 24.85 5.02
CA GLY B 153 19.92 24.76 6.18
C GLY B 153 20.01 23.45 6.94
N LYS B 154 18.98 23.14 7.70
CA LYS B 154 19.01 21.93 8.54
C LYS B 154 17.72 21.14 8.41
N PRO B 155 17.79 19.83 8.69
CA PRO B 155 16.54 19.05 8.77
C PRO B 155 15.70 19.59 9.92
N CYS B 156 14.39 19.59 9.76
CA CYS B 156 13.52 20.32 10.69
C CYS B 156 13.10 19.50 11.92
N ASN B 157 12.92 20.20 13.04
CA ASN B 157 12.43 19.58 14.26
C ASN B 157 11.04 20.12 14.61
N GLU B 158 10.80 21.36 14.17
CA GLU B 158 9.48 21.95 14.26
C GLU B 158 9.25 22.95 13.11
N ASN B 159 7.98 23.20 12.80
CA ASN B 159 7.56 24.07 11.70
C ASN B 159 8.43 25.30 11.45
N LYS B 160 8.80 25.98 12.52
CA LYS B 160 9.58 27.21 12.40
C LYS B 160 10.89 26.93 11.68
N ASP B 161 11.26 25.66 11.59
CA ASP B 161 12.56 25.26 11.04
C ASP B 161 12.59 25.24 9.54
N CYS B 162 11.42 25.22 8.91
CA CYS B 162 11.33 25.14 7.46
C CYS B 162 11.29 26.52 6.80
N THR B 163 12.14 26.73 5.81
CA THR B 163 12.34 28.05 5.24
C THR B 163 11.94 28.22 3.76
N TYR B 164 12.13 27.20 2.94
CA TYR B 164 12.01 27.41 1.49
C TYR B 164 10.62 27.87 1.03
N TYR B 165 9.60 27.56 1.80
CA TYR B 165 8.24 27.95 1.43
C TYR B 165 7.43 28.34 2.65
N LYS B 166 6.23 28.87 2.43
CA LYS B 166 5.52 29.58 3.46
C LYS B 166 4.67 28.73 4.42
N GLY B 167 3.79 27.89 3.89
CA GLY B 167 2.83 27.23 4.77
C GLY B 167 3.34 25.93 5.36
N SER B 168 4.61 25.93 5.77
CA SER B 168 5.30 24.69 6.07
C SER B 168 5.08 24.12 7.46
N THR B 169 4.79 22.82 7.52
CA THR B 169 4.69 22.11 8.78
C THR B 169 5.76 21.03 8.78
N CYS B 170 6.35 20.73 9.94
CA CYS B 170 7.45 19.78 10.00
C CYS B 170 7.07 18.43 10.60
N GLU B 171 7.06 17.40 9.76
CA GLU B 171 6.75 16.05 10.19
C GLU B 171 7.88 15.12 9.79
N TRP B 172 8.27 14.23 10.69
CA TRP B 172 9.31 13.24 10.44
C TRP B 172 10.59 13.81 9.82
N ASN B 173 11.05 14.97 10.28
CA ASN B 173 12.27 15.59 9.75
C ASN B 173 12.10 16.16 8.36
N LEU B 174 10.89 16.08 7.84
CA LEU B 174 10.59 16.63 6.53
C LEU B 174 9.64 17.81 6.61
N CYS B 175 9.83 18.78 5.74
CA CYS B 175 8.94 19.93 5.66
C CYS B 175 7.83 19.67 4.65
N TYR B 176 6.59 19.89 5.06
CA TYR B 176 5.46 19.75 4.15
C TYR B 176 4.73 21.06 3.95
N THR B 177 4.29 21.29 2.72
CA THR B 177 3.53 22.49 2.45
C THR B 177 2.58 22.27 1.29
N PHE B 178 1.42 22.91 1.39
CA PHE B 178 0.47 22.94 0.30
C PHE B 178 0.64 24.22 -0.50
N PHE B 179 1.48 25.13 -0.02
CA PHE B 179 1.55 26.47 -0.56
C PHE B 179 2.88 26.85 -1.25
N ALA B 180 3.58 25.87 -1.80
CA ALA B 180 4.78 26.19 -2.58
C ALA B 180 4.44 27.16 -3.70
N ALA B 181 3.33 26.91 -4.38
CA ALA B 181 2.93 27.75 -5.51
C ALA B 181 2.59 29.15 -5.07
N ALA B 182 2.02 29.29 -3.87
CA ALA B 182 1.62 30.60 -3.35
C ALA B 182 2.81 31.33 -2.72
N SER B 183 3.81 30.58 -2.31
CA SER B 183 5.11 31.18 -2.12
C SER B 183 5.55 31.64 -3.49
N PHE B 184 4.67 31.42 -4.47
CA PHE B 184 4.83 31.82 -5.88
C PHE B 184 6.29 32.13 -6.21
N LEU B 185 6.75 33.35 -5.92
CA LEU B 185 5.89 34.49 -5.61
C LEU B 185 5.92 35.43 -6.79
N GLU B 186 7.14 35.71 -7.26
CA GLU B 186 7.36 36.49 -8.48
C GLU B 186 6.79 37.91 -8.37
N GLN B 187 5.97 38.13 -7.35
CA GLN B 187 5.24 39.37 -7.18
C GLN B 187 4.17 39.54 -8.27
CA CA C . -2.99 -30.26 18.17
#